data_8SSQ
#
_entry.id   8SSQ
#
_cell.length_a   352.070
_cell.length_b   67.768
_cell.length_c   61.194
_cell.angle_alpha   90.000
_cell.angle_beta   92.590
_cell.angle_gamma   90.000
#
_symmetry.space_group_name_H-M   'C 1 2 1'
#
loop_
_entity.id
_entity.type
_entity.pdbx_description
1 polymer 'Transcriptional repressor CTCF'
2 polymer 'DNA (35-MER) Strand I'
3 polymer 'DNA (35-MER) Strand 2'
4 non-polymer 'ZINC ION'
5 non-polymer 'SODIUM ION'
6 water water
#
loop_
_entity_poly.entity_id
_entity_poly.type
_entity_poly.pdbx_seq_one_letter_code
_entity_poly.pdbx_strand_id
1 'polypeptide(L)'
;TRPHKCPDCDMAFVTSGELVRHRRYKHTHEKPFKCSMCDYASVEVSKLKRHIRSHTGERPFQCSLCSYASRDTYKLKRHM
RTHSGEKPYECYICHARFTQSGTMKMHILQKHTENVAKFHCPHCDTVIARKSDLGVHLRKQHSYIEQGKKCRYCDAVFHE
RYALIQHQKSHKNEKRFKCDQCDYACRQERHMIMHKRTHTGEKPYACSHCDKTFRQKQLLDMHFKRYHDPNFVPAAFVCS
KCGKTFTRRNTMARHADNCAGPDGVEGENGGETKKSKRGRKRKMRSKK
;
A,D
2 'polydeoxyribonucleotide'
;(DT)(DT)(DA)(DG)(DC)(DG)(DC)(DC)(DC)(DC)(DC)(DT)(DG)(DC)(DT)(DG)(DG)(DT)(DT)(DA)
(DA)(DA)(DT)(DG)(DT)(DG)(DG)(DT)(DA)(DC)(DT)(DG)(DC)(DA)(DC)
;
B,E
3 'polydeoxyribonucleotide'
;(DG)(DT)(DG)(DC)(DA)(DG)(DT)(DA)(DC)(DC)(DA)(DC)(DA)(DT)(DT)(DT)(DA)(DA)(DC)(DC)
(DA)(DG)(DC)(DA)(DG)(DG)(DG)(DG)(DG)(DC)(DG)(DC)(DT)(DA)(DA)
;
C,F
#
# COMPACT_ATOMS: atom_id res chain seq x y z
N THR A 1 5.60 -13.16 -69.17
CA THR A 1 4.80 -11.96 -69.44
C THR A 1 3.40 -12.10 -68.84
N ARG A 2 3.28 -12.96 -67.83
CA ARG A 2 2.01 -13.24 -67.17
C ARG A 2 0.90 -13.60 -68.14
N PRO A 3 1.02 -14.71 -68.88
CA PRO A 3 -0.05 -15.09 -69.80
C PRO A 3 -1.38 -15.34 -69.12
N HIS A 4 -1.38 -15.88 -67.91
CA HIS A 4 -2.62 -16.19 -67.21
C HIS A 4 -3.15 -14.97 -66.47
N LYS A 5 -4.45 -14.73 -66.59
CA LYS A 5 -5.12 -13.62 -65.92
C LYS A 5 -6.40 -14.11 -65.28
N CYS A 6 -6.72 -13.55 -64.12
CA CYS A 6 -7.96 -13.89 -63.44
C CYS A 6 -9.10 -13.05 -64.00
N PRO A 7 -10.17 -13.67 -64.52
CA PRO A 7 -11.29 -12.88 -65.05
C PRO A 7 -12.12 -12.20 -63.98
N ASP A 8 -12.06 -12.67 -62.73
CA ASP A 8 -12.90 -12.12 -61.68
C ASP A 8 -12.40 -10.77 -61.17
N CYS A 9 -11.09 -10.54 -61.20
CA CYS A 9 -10.52 -9.30 -60.69
C CYS A 9 -9.37 -8.87 -61.61
N ASP A 10 -8.56 -7.93 -61.14
CA ASP A 10 -7.50 -7.33 -61.93
C ASP A 10 -6.19 -8.10 -61.87
N MET A 11 -6.07 -9.10 -60.99
CA MET A 11 -4.80 -9.76 -60.78
C MET A 11 -4.45 -10.67 -61.96
N ALA A 12 -3.16 -10.69 -62.32
CA ALA A 12 -2.64 -11.55 -63.37
C ALA A 12 -1.46 -12.34 -62.80
N PHE A 13 -1.41 -13.63 -63.12
CA PHE A 13 -0.42 -14.53 -62.54
C PHE A 13 0.32 -15.29 -63.64
N VAL A 14 1.51 -15.75 -63.29
CA VAL A 14 2.38 -16.40 -64.28
C VAL A 14 1.94 -17.83 -64.54
N THR A 15 1.97 -18.67 -63.51
CA THR A 15 1.66 -20.09 -63.65
C THR A 15 0.20 -20.35 -63.30
N SER A 16 -0.28 -21.53 -63.74
CA SER A 16 -1.66 -21.92 -63.45
C SER A 16 -1.85 -22.16 -61.96
N GLY A 17 -0.86 -22.76 -61.29
CA GLY A 17 -0.98 -23.01 -59.87
C GLY A 17 -1.10 -21.74 -59.05
N GLU A 18 -0.32 -20.72 -59.41
CA GLU A 18 -0.42 -19.44 -58.73
C GLU A 18 -1.81 -18.82 -58.91
N LEU A 19 -2.34 -18.88 -60.14
CA LEU A 19 -3.66 -18.32 -60.39
C LEU A 19 -4.75 -19.10 -59.65
N VAL A 20 -4.61 -20.43 -59.58
CA VAL A 20 -5.59 -21.23 -58.85
C VAL A 20 -5.59 -20.87 -57.37
N ARG A 21 -4.39 -20.73 -56.78
CA ARG A 21 -4.31 -20.33 -55.37
C ARG A 21 -4.89 -18.94 -55.17
N HIS A 22 -4.65 -18.03 -56.12
CA HIS A 22 -5.20 -16.68 -56.02
C HIS A 22 -6.72 -16.70 -56.03
N ARG A 23 -7.32 -17.51 -56.92
CA ARG A 23 -8.77 -17.61 -56.95
C ARG A 23 -9.31 -18.16 -55.64
N ARG A 24 -8.64 -19.17 -55.07
CA ARG A 24 -9.09 -19.70 -53.78
C ARG A 24 -8.95 -18.66 -52.68
N TYR A 25 -7.87 -17.87 -52.71
CA TYR A 25 -7.65 -16.88 -51.65
C TYR A 25 -8.69 -15.77 -51.69
N LYS A 26 -8.91 -15.17 -52.87
CA LYS A 26 -9.68 -13.95 -52.97
C LYS A 26 -10.95 -14.07 -53.81
N HIS A 27 -11.23 -15.21 -54.40
CA HIS A 27 -12.41 -15.27 -55.26
C HIS A 27 -13.36 -16.41 -54.92
N THR A 28 -12.85 -17.59 -54.55
CA THR A 28 -13.73 -18.70 -54.20
C THR A 28 -13.99 -18.77 -52.70
N HIS A 29 -13.02 -18.37 -51.88
CA HIS A 29 -13.14 -18.36 -50.43
C HIS A 29 -13.50 -19.74 -49.90
N GLU A 30 -12.92 -20.77 -50.50
CA GLU A 30 -13.07 -22.15 -50.04
C GLU A 30 -11.69 -22.66 -49.64
N LYS A 31 -11.64 -23.40 -48.52
CA LYS A 31 -10.39 -23.90 -47.98
C LYS A 31 -10.51 -25.41 -47.80
N PRO A 32 -9.84 -26.21 -48.64
CA PRO A 32 -10.02 -27.67 -48.59
C PRO A 32 -9.49 -28.28 -47.30
N PHE A 33 -8.23 -27.98 -46.98
CA PHE A 33 -7.59 -28.54 -45.80
C PHE A 33 -8.09 -27.79 -44.56
N LYS A 34 -8.65 -28.53 -43.61
CA LYS A 34 -9.25 -27.96 -42.42
C LYS A 34 -8.55 -28.46 -41.17
N CYS A 35 -8.46 -27.59 -40.17
CA CYS A 35 -7.90 -27.97 -38.89
C CYS A 35 -8.80 -29.00 -38.21
N SER A 36 -8.18 -30.02 -37.62
CA SER A 36 -8.94 -31.08 -36.98
C SER A 36 -9.49 -30.66 -35.61
N MET A 37 -8.88 -29.67 -34.97
CA MET A 37 -9.29 -29.23 -33.63
C MET A 37 -10.53 -28.33 -33.68
N CYS A 38 -10.60 -27.45 -34.67
CA CYS A 38 -11.65 -26.44 -34.74
C CYS A 38 -12.13 -26.34 -36.18
N ASP A 39 -12.94 -25.32 -36.44
CA ASP A 39 -13.53 -25.11 -37.76
C ASP A 39 -12.61 -24.35 -38.71
N TYR A 40 -11.43 -23.95 -38.25
CA TYR A 40 -10.50 -23.21 -39.10
C TYR A 40 -9.98 -24.08 -40.22
N ALA A 41 -9.66 -23.45 -41.35
CA ALA A 41 -9.16 -24.15 -42.52
C ALA A 41 -8.15 -23.26 -43.23
N SER A 42 -7.40 -23.86 -44.16
CA SER A 42 -6.33 -23.14 -44.86
C SER A 42 -6.26 -23.61 -46.31
N VAL A 43 -6.14 -22.65 -47.23
CA VAL A 43 -5.89 -22.99 -48.63
C VAL A 43 -4.48 -23.54 -48.81
N GLU A 44 -3.50 -22.92 -48.16
CA GLU A 44 -2.11 -23.35 -48.23
C GLU A 44 -1.79 -24.26 -47.06
N VAL A 45 -0.94 -25.26 -47.30
CA VAL A 45 -0.62 -26.24 -46.27
C VAL A 45 0.16 -25.60 -45.13
N SER A 46 1.03 -24.64 -45.45
CA SER A 46 1.82 -23.98 -44.41
C SER A 46 0.92 -23.26 -43.41
N LYS A 47 -0.16 -22.64 -43.89
CA LYS A 47 -1.10 -21.96 -42.98
C LYS A 47 -1.75 -22.95 -42.03
N LEU A 48 -2.12 -24.13 -42.53
CA LEU A 48 -2.73 -25.14 -41.67
C LEU A 48 -1.70 -25.71 -40.70
N LYS A 49 -0.45 -25.84 -41.14
CA LYS A 49 0.62 -26.24 -40.24
C LYS A 49 0.84 -25.20 -39.14
N ARG A 50 0.65 -23.92 -39.47
CA ARG A 50 0.71 -22.86 -38.47
C ARG A 50 -0.28 -23.11 -37.35
N HIS A 51 -1.56 -23.34 -37.71
CA HIS A 51 -2.61 -23.53 -36.71
C HIS A 51 -2.41 -24.80 -35.91
N ILE A 52 -1.95 -25.87 -36.56
CA ILE A 52 -1.68 -27.10 -35.83
C ILE A 52 -0.56 -26.89 -34.81
N ARG A 53 0.47 -26.13 -35.20
CA ARG A 53 1.54 -25.79 -34.27
C ARG A 53 1.02 -24.99 -33.08
N SER A 54 0.14 -24.02 -33.33
CA SER A 54 -0.45 -23.27 -32.22
C SER A 54 -1.34 -24.17 -31.37
N HIS A 55 -2.07 -25.09 -31.99
CA HIS A 55 -2.89 -26.04 -31.26
C HIS A 55 -2.05 -26.87 -30.29
N THR A 56 -0.84 -27.27 -30.70
CA THR A 56 -0.01 -28.19 -29.92
C THR A 56 1.17 -27.55 -29.21
N GLY A 57 1.61 -26.38 -29.63
CA GLY A 57 2.75 -25.72 -29.00
C GLY A 57 4.10 -26.06 -29.59
N GLU A 58 4.13 -26.66 -30.78
CA GLU A 58 5.40 -26.99 -31.41
C GLU A 58 6.12 -25.72 -31.83
N ARG A 59 7.39 -25.60 -31.44
CA ARG A 59 8.24 -24.45 -31.77
C ARG A 59 9.45 -24.97 -32.53
N PRO A 60 9.38 -24.96 -33.87
CA PRO A 60 10.45 -25.60 -34.67
C PRO A 60 11.81 -24.95 -34.55
N PHE A 61 11.90 -23.65 -34.82
CA PHE A 61 13.18 -22.97 -34.95
C PHE A 61 13.45 -22.11 -33.72
N GLN A 62 14.64 -22.27 -33.16
CA GLN A 62 15.06 -21.56 -31.95
C GLN A 62 15.96 -20.38 -32.31
N CYS A 63 15.83 -19.31 -31.53
CA CYS A 63 16.71 -18.17 -31.71
C CYS A 63 18.15 -18.51 -31.37
N SER A 64 19.08 -17.90 -32.10
CA SER A 64 20.50 -18.22 -31.92
C SER A 64 21.03 -17.66 -30.60
N LEU A 65 20.55 -16.49 -30.18
CA LEU A 65 21.11 -15.77 -29.06
C LEU A 65 20.27 -15.83 -27.78
N CYS A 66 18.98 -16.13 -27.88
CA CYS A 66 18.12 -16.09 -26.71
C CYS A 66 17.38 -17.40 -26.49
N SER A 67 16.43 -17.39 -25.56
CA SER A 67 15.67 -18.58 -25.18
C SER A 67 14.26 -18.59 -25.76
N TYR A 68 14.07 -18.00 -26.94
CA TYR A 68 12.77 -17.94 -27.60
C TYR A 68 12.81 -18.77 -28.87
N ALA A 69 11.90 -19.72 -28.98
CA ALA A 69 11.74 -20.53 -30.18
C ALA A 69 10.41 -20.16 -30.83
N SER A 70 10.47 -19.70 -32.08
CA SER A 70 9.28 -19.25 -32.78
C SER A 70 8.60 -20.42 -33.48
N ARG A 71 7.27 -20.32 -33.60
CA ARG A 71 6.50 -21.29 -34.34
C ARG A 71 6.36 -20.93 -35.82
N ASP A 72 6.78 -19.72 -36.21
CA ASP A 72 6.87 -19.32 -37.60
C ASP A 72 8.22 -18.69 -37.84
N THR A 73 8.77 -18.90 -39.04
CA THR A 73 10.08 -18.35 -39.36
C THR A 73 10.07 -16.83 -39.34
N TYR A 74 8.96 -16.20 -39.71
CA TYR A 74 8.88 -14.75 -39.67
C TYR A 74 8.90 -14.22 -38.25
N LYS A 75 8.31 -14.95 -37.30
CA LYS A 75 8.36 -14.53 -35.90
C LYS A 75 9.79 -14.49 -35.40
N LEU A 76 10.60 -15.49 -35.77
CA LEU A 76 12.02 -15.46 -35.41
C LEU A 76 12.75 -14.32 -36.09
N LYS A 77 12.43 -14.07 -37.37
CA LYS A 77 13.06 -12.96 -38.08
C LYS A 77 12.72 -11.63 -37.42
N ARG A 78 11.47 -11.49 -36.95
CA ARG A 78 11.09 -10.30 -36.20
C ARG A 78 11.73 -10.28 -34.82
N HIS A 79 11.82 -11.44 -34.17
CA HIS A 79 12.44 -11.51 -32.86
C HIS A 79 13.92 -11.15 -32.91
N MET A 80 14.60 -11.45 -34.02
CA MET A 80 16.01 -11.10 -34.16
C MET A 80 16.25 -9.60 -34.07
N ARG A 81 15.23 -8.78 -34.34
CA ARG A 81 15.37 -7.34 -34.17
C ARG A 81 15.60 -6.96 -32.72
N THR A 82 15.23 -7.83 -31.77
CA THR A 82 15.49 -7.54 -30.37
C THR A 82 16.97 -7.44 -30.09
N HIS A 83 17.78 -8.27 -30.76
CA HIS A 83 19.22 -8.26 -30.58
C HIS A 83 19.92 -7.28 -31.52
N SER A 84 19.54 -7.31 -32.81
CA SER A 84 20.20 -6.46 -33.79
C SER A 84 19.80 -5.00 -33.69
N GLY A 85 18.66 -4.72 -33.07
CA GLY A 85 18.08 -3.39 -33.16
C GLY A 85 17.28 -3.31 -34.45
N GLU A 86 17.85 -2.67 -35.46
CA GLU A 86 17.34 -2.71 -36.84
C GLU A 86 15.84 -2.41 -36.90
N LYS A 87 15.51 -1.18 -36.53
CA LYS A 87 14.14 -0.71 -36.69
C LYS A 87 13.89 -0.42 -38.16
N PRO A 88 13.18 -1.29 -38.89
CA PRO A 88 13.04 -1.09 -40.34
C PRO A 88 12.15 0.09 -40.68
N TYR A 89 10.97 0.12 -40.08
CA TYR A 89 9.94 1.09 -40.44
C TYR A 89 10.27 2.46 -39.86
N GLU A 90 9.98 3.50 -40.64
CA GLU A 90 10.28 4.87 -40.27
C GLU A 90 9.06 5.75 -40.51
N CYS A 91 8.69 6.54 -39.51
CA CYS A 91 7.60 7.50 -39.67
C CYS A 91 8.01 8.59 -40.65
N TYR A 92 7.07 9.01 -41.48
CA TYR A 92 7.35 10.01 -42.50
C TYR A 92 7.22 11.45 -42.01
N ILE A 93 6.89 11.65 -40.74
CA ILE A 93 6.72 12.99 -40.18
C ILE A 93 7.85 13.33 -39.20
N CYS A 94 7.97 12.57 -38.11
CA CYS A 94 9.01 12.80 -37.12
C CYS A 94 10.26 11.97 -37.38
N HIS A 95 10.25 11.11 -38.40
CA HIS A 95 11.38 10.29 -38.80
C HIS A 95 11.84 9.34 -37.69
N ALA A 96 10.97 9.05 -36.73
CA ALA A 96 11.27 8.03 -35.75
C ALA A 96 11.18 6.64 -36.37
N ARG A 97 11.99 5.73 -35.87
CA ARG A 97 12.10 4.38 -36.41
C ARG A 97 11.55 3.37 -35.42
N PHE A 98 10.88 2.34 -35.94
CA PHE A 98 10.14 1.38 -35.13
C PHE A 98 10.43 -0.04 -35.61
N THR A 99 10.44 -0.97 -34.66
CA THR A 99 10.77 -2.36 -34.97
C THR A 99 9.65 -3.11 -35.68
N GLN A 100 8.42 -2.61 -35.62
CA GLN A 100 7.29 -3.28 -36.25
C GLN A 100 6.42 -2.26 -36.97
N SER A 101 5.74 -2.72 -38.01
CA SER A 101 4.89 -1.83 -38.81
C SER A 101 3.71 -1.32 -37.98
N GLY A 102 3.08 -2.20 -37.21
CA GLY A 102 1.98 -1.78 -36.36
C GLY A 102 2.38 -0.74 -35.33
N THR A 103 3.61 -0.84 -34.81
CA THR A 103 4.11 0.16 -33.89
C THR A 103 4.20 1.53 -34.56
N MET A 104 4.69 1.57 -35.81
CA MET A 104 4.78 2.84 -36.53
C MET A 104 3.40 3.41 -36.82
N LYS A 105 2.46 2.55 -37.24
CA LYS A 105 1.12 3.03 -37.57
C LYS A 105 0.42 3.61 -36.35
N MET A 106 0.54 2.94 -35.20
CA MET A 106 -0.05 3.47 -33.98
C MET A 106 0.61 4.79 -33.59
N HIS A 107 1.93 4.90 -33.78
CA HIS A 107 2.63 6.14 -33.49
C HIS A 107 2.10 7.29 -34.35
N ILE A 108 1.95 7.05 -35.64
CA ILE A 108 1.44 8.09 -36.53
C ILE A 108 0.02 8.47 -36.14
N LEU A 109 -0.80 7.49 -35.79
CA LEU A 109 -2.19 7.76 -35.43
C LEU A 109 -2.29 8.60 -34.17
N GLN A 110 -1.49 8.29 -33.15
CA GLN A 110 -1.63 8.89 -31.83
C GLN A 110 -0.67 10.05 -31.56
N LYS A 111 0.28 10.32 -32.46
CA LYS A 111 1.25 11.39 -32.25
C LYS A 111 1.17 12.51 -33.28
N HIS A 112 0.63 12.25 -34.47
CA HIS A 112 0.67 13.22 -35.56
C HIS A 112 -0.71 13.49 -36.12
N THR A 113 -1.76 13.33 -35.31
CA THR A 113 -3.12 13.51 -35.79
C THR A 113 -3.98 14.07 -34.66
N GLU A 114 -4.95 14.90 -35.03
CA GLU A 114 -5.81 15.58 -34.06
C GLU A 114 -7.12 14.83 -33.82
N ASN A 115 -7.93 14.64 -34.86
CA ASN A 115 -9.29 14.12 -34.71
C ASN A 115 -9.28 12.59 -34.85
N VAL A 116 -8.68 11.94 -33.87
CA VAL A 116 -8.62 10.48 -33.82
C VAL A 116 -9.70 9.99 -32.88
N ALA A 117 -10.51 9.03 -33.34
CA ALA A 117 -11.53 8.44 -32.50
C ALA A 117 -10.90 7.73 -31.32
N LYS A 118 -11.46 7.95 -30.13
CA LYS A 118 -10.96 7.35 -28.90
C LYS A 118 -12.03 6.46 -28.29
N PHE A 119 -11.61 5.65 -27.32
CA PHE A 119 -12.48 4.69 -26.66
C PHE A 119 -13.00 5.26 -25.35
N HIS A 120 -14.29 5.12 -25.11
CA HIS A 120 -14.93 5.56 -23.89
C HIS A 120 -15.08 4.38 -22.95
N CYS A 121 -14.73 4.58 -21.68
CA CYS A 121 -14.89 3.51 -20.70
C CYS A 121 -16.37 3.19 -20.50
N PRO A 122 -16.77 1.93 -20.63
CA PRO A 122 -18.19 1.58 -20.42
C PRO A 122 -18.66 1.77 -18.98
N HIS A 123 -17.75 1.93 -18.02
CA HIS A 123 -18.12 2.01 -16.62
C HIS A 123 -17.83 3.36 -15.96
N CYS A 124 -17.05 4.22 -16.61
CA CYS A 124 -16.76 5.55 -16.06
C CYS A 124 -16.75 6.56 -17.21
N ASP A 125 -16.38 7.79 -16.88
CA ASP A 125 -16.44 8.91 -17.83
C ASP A 125 -15.12 9.15 -18.56
N THR A 126 -14.07 8.40 -18.24
CA THR A 126 -12.77 8.64 -18.86
C THR A 126 -12.79 8.25 -20.34
N VAL A 127 -12.02 8.99 -21.13
CA VAL A 127 -11.87 8.73 -22.56
C VAL A 127 -10.40 8.42 -22.83
N ILE A 128 -10.14 7.28 -23.45
CA ILE A 128 -8.79 6.75 -23.63
C ILE A 128 -8.52 6.53 -25.11
N ALA A 129 -7.34 6.92 -25.56
CA ALA A 129 -7.02 6.87 -26.99
C ALA A 129 -6.85 5.43 -27.48
N ARG A 130 -6.09 4.62 -26.74
CA ARG A 130 -5.75 3.28 -27.18
C ARG A 130 -6.67 2.25 -26.52
N LYS A 131 -6.96 1.18 -27.27
CA LYS A 131 -7.75 0.09 -26.71
C LYS A 131 -6.97 -0.69 -25.66
N SER A 132 -5.66 -0.87 -25.89
CA SER A 132 -4.83 -1.54 -24.90
C SER A 132 -4.78 -0.74 -23.59
N ASP A 133 -4.64 0.58 -23.70
CA ASP A 133 -4.66 1.41 -22.50
C ASP A 133 -6.02 1.35 -21.81
N LEU A 134 -7.10 1.25 -22.60
CA LEU A 134 -8.43 1.07 -22.02
C LEU A 134 -8.51 -0.26 -21.27
N GLY A 135 -7.92 -1.32 -21.82
CA GLY A 135 -7.90 -2.59 -21.13
C GLY A 135 -7.14 -2.53 -19.82
N VAL A 136 -6.03 -1.81 -19.80
CA VAL A 136 -5.30 -1.58 -18.56
C VAL A 136 -6.18 -0.82 -17.57
N HIS A 137 -6.86 0.23 -18.05
CA HIS A 137 -7.75 1.00 -17.19
C HIS A 137 -8.88 0.15 -16.64
N LEU A 138 -9.48 -0.70 -17.48
CA LEU A 138 -10.51 -1.61 -17.00
C LEU A 138 -9.95 -2.60 -15.99
N ARG A 139 -8.77 -3.14 -16.25
CA ARG A 139 -8.20 -4.20 -15.42
C ARG A 139 -7.69 -3.70 -14.08
N LYS A 140 -7.56 -2.39 -13.87
CA LYS A 140 -7.21 -1.85 -12.56
C LYS A 140 -8.36 -1.12 -11.91
N GLN A 141 -8.95 -0.11 -12.58
CA GLN A 141 -10.02 0.66 -11.96
C GLN A 141 -11.27 -0.19 -11.79
N HIS A 142 -11.71 -0.87 -12.84
CA HIS A 142 -12.98 -1.58 -12.84
C HIS A 142 -12.84 -3.06 -12.48
N SER A 143 -11.64 -3.51 -12.12
CA SER A 143 -11.45 -4.87 -11.67
C SER A 143 -12.18 -5.10 -10.35
N TYR A 144 -12.68 -6.31 -10.17
CA TYR A 144 -13.40 -6.68 -8.96
C TYR A 144 -12.44 -7.23 -7.91
N ILE A 145 -12.62 -6.80 -6.66
CA ILE A 145 -11.80 -7.23 -5.54
C ILE A 145 -12.68 -8.08 -4.62
N GLU A 146 -12.34 -9.36 -4.50
CA GLU A 146 -13.14 -10.26 -3.68
C GLU A 146 -13.07 -9.88 -2.20
N GLN A 147 -11.88 -9.50 -1.72
CA GLN A 147 -11.69 -9.14 -0.33
C GLN A 147 -12.12 -7.70 -0.03
N GLY A 148 -12.37 -6.89 -1.05
CA GLY A 148 -12.78 -5.52 -0.85
C GLY A 148 -11.63 -4.61 -0.47
N LYS A 149 -11.93 -3.31 -0.41
CA LYS A 149 -10.95 -2.31 -0.02
C LYS A 149 -11.69 -1.24 0.78
N LYS A 150 -11.35 -1.13 2.06
CA LYS A 150 -12.02 -0.20 2.96
C LYS A 150 -11.68 1.25 2.59
N CYS A 151 -12.63 2.14 2.86
CA CYS A 151 -12.36 3.56 2.69
C CYS A 151 -11.29 4.00 3.67
N ARG A 152 -10.50 4.99 3.26
CA ARG A 152 -9.42 5.48 4.12
C ARG A 152 -9.93 6.30 5.29
N TYR A 153 -11.15 6.82 5.22
CA TYR A 153 -11.65 7.72 6.24
C TYR A 153 -12.98 7.32 6.87
N CYS A 154 -13.70 6.37 6.29
CA CYS A 154 -14.96 5.91 6.87
C CYS A 154 -14.99 4.38 6.82
N ASP A 155 -16.10 3.81 7.27
CA ASP A 155 -16.27 2.37 7.33
C ASP A 155 -16.95 1.81 6.08
N ALA A 156 -16.79 2.47 4.94
CA ALA A 156 -17.36 2.01 3.68
C ALA A 156 -16.41 1.04 3.00
N VAL A 157 -16.95 -0.05 2.48
CA VAL A 157 -16.19 -1.10 1.81
C VAL A 157 -16.57 -1.10 0.35
N PHE A 158 -15.57 -1.09 -0.53
CA PHE A 158 -15.79 -1.13 -1.97
C PHE A 158 -14.96 -2.25 -2.58
N HIS A 159 -15.42 -2.73 -3.74
CA HIS A 159 -14.75 -3.79 -4.48
C HIS A 159 -14.23 -3.34 -5.83
N GLU A 160 -14.58 -2.13 -6.27
CA GLU A 160 -14.08 -1.55 -7.50
C GLU A 160 -13.31 -0.28 -7.16
N ARG A 161 -12.07 -0.18 -7.64
CA ARG A 161 -11.21 0.93 -7.24
C ARG A 161 -11.83 2.27 -7.64
N TYR A 162 -12.51 2.32 -8.79
CA TYR A 162 -13.12 3.57 -9.22
C TYR A 162 -14.18 4.03 -8.22
N ALA A 163 -15.00 3.11 -7.72
CA ALA A 163 -16.01 3.48 -6.73
C ALA A 163 -15.36 3.97 -5.44
N LEU A 164 -14.29 3.31 -5.00
CA LEU A 164 -13.61 3.72 -3.78
C LEU A 164 -13.02 5.11 -3.90
N ILE A 165 -12.39 5.42 -5.04
CA ILE A 165 -11.79 6.74 -5.23
C ILE A 165 -12.87 7.81 -5.28
N GLN A 166 -13.98 7.54 -5.95
CA GLN A 166 -15.07 8.52 -6.03
C GLN A 166 -15.65 8.79 -4.65
N HIS A 167 -15.82 7.75 -3.83
CA HIS A 167 -16.28 7.95 -2.47
C HIS A 167 -15.27 8.74 -1.64
N GLN A 168 -13.99 8.41 -1.77
CA GLN A 168 -12.96 9.11 -0.99
C GLN A 168 -12.82 10.57 -1.39
N LYS A 169 -13.23 10.94 -2.61
CA LYS A 169 -13.20 12.34 -3.00
C LYS A 169 -14.28 13.16 -2.29
N SER A 170 -15.25 12.51 -1.64
CA SER A 170 -16.28 13.22 -0.90
C SER A 170 -15.83 13.63 0.49
N HIS A 171 -14.62 13.25 0.91
CA HIS A 171 -14.10 13.59 2.22
C HIS A 171 -13.05 14.70 2.17
N LYS A 172 -12.87 15.34 1.01
CA LYS A 172 -11.82 16.34 0.86
C LYS A 172 -12.19 17.71 1.42
N ASN A 173 -13.44 17.89 1.85
CA ASN A 173 -13.84 19.12 2.53
C ASN A 173 -14.32 18.79 3.93
N GLU A 174 -13.57 17.96 4.64
CA GLU A 174 -13.97 17.43 5.94
C GLU A 174 -12.82 17.61 6.93
N LYS A 175 -13.19 17.87 8.18
CA LYS A 175 -12.22 18.06 9.27
C LYS A 175 -12.28 16.81 10.15
N ARG A 176 -11.45 15.83 9.81
CA ARG A 176 -11.48 14.55 10.54
C ARG A 176 -11.05 14.73 11.99
N PHE A 177 -10.02 15.53 12.24
CA PHE A 177 -9.53 15.71 13.60
C PHE A 177 -10.50 16.57 14.40
N LYS A 178 -10.87 16.10 15.58
CA LYS A 178 -11.79 16.80 16.46
C LYS A 178 -11.24 16.78 17.88
N CYS A 179 -11.23 17.95 18.53
CA CYS A 179 -10.73 18.04 19.89
C CYS A 179 -11.72 17.41 20.86
N ASP A 180 -11.18 16.75 21.89
CA ASP A 180 -11.99 16.05 22.87
C ASP A 180 -12.48 16.95 24.00
N GLN A 181 -12.11 18.23 23.99
CA GLN A 181 -12.52 19.15 25.04
C GLN A 181 -13.36 20.31 24.54
N CYS A 182 -13.55 20.45 23.23
CA CYS A 182 -14.37 21.52 22.68
C CYS A 182 -14.85 21.08 21.30
N ASP A 183 -15.51 22.00 20.59
CA ASP A 183 -16.09 21.72 19.28
C ASP A 183 -15.12 21.99 18.14
N TYR A 184 -13.88 22.39 18.44
CA TYR A 184 -12.93 22.74 17.39
C TYR A 184 -12.55 21.52 16.57
N ALA A 185 -12.41 21.72 15.26
CA ALA A 185 -12.02 20.67 14.34
C ALA A 185 -11.09 21.26 13.28
N CYS A 186 -10.23 20.42 12.73
CA CYS A 186 -9.28 20.84 11.71
C CYS A 186 -8.99 19.66 10.78
N ARG A 187 -8.30 19.96 9.68
CA ARG A 187 -8.02 18.97 8.65
C ARG A 187 -6.63 18.35 8.78
N GLN A 188 -5.67 19.06 9.35
CA GLN A 188 -4.31 18.55 9.53
C GLN A 188 -4.04 18.30 11.00
N GLU A 189 -3.26 17.26 11.27
CA GLU A 189 -3.00 16.85 12.65
C GLU A 189 -2.22 17.90 13.43
N ARG A 190 -1.39 18.69 12.74
CA ARG A 190 -0.58 19.69 13.41
C ARG A 190 -1.46 20.74 14.10
N HIS A 191 -2.55 21.15 13.45
CA HIS A 191 -3.45 22.14 14.05
C HIS A 191 -4.12 21.57 15.30
N MET A 192 -4.53 20.30 15.25
CA MET A 192 -5.14 19.67 16.43
C MET A 192 -4.16 19.59 17.59
N ILE A 193 -2.89 19.28 17.30
CA ILE A 193 -1.88 19.23 18.35
C ILE A 193 -1.71 20.60 18.99
N MET A 194 -1.68 21.66 18.18
CA MET A 194 -1.57 23.01 18.73
C MET A 194 -2.74 23.34 19.63
N HIS A 195 -3.96 22.99 19.20
CA HIS A 195 -5.15 23.32 20.00
C HIS A 195 -5.13 22.59 21.33
N LYS A 196 -4.73 21.32 21.33
CA LYS A 196 -4.65 20.58 22.59
C LYS A 196 -3.56 21.14 23.49
N ARG A 197 -2.49 21.69 22.91
CA ARG A 197 -1.48 22.39 23.71
C ARG A 197 -2.08 23.62 24.39
N THR A 198 -2.92 24.36 23.67
CA THR A 198 -3.59 25.51 24.27
C THR A 198 -4.56 25.07 25.35
N HIS A 199 -5.27 23.97 25.13
CA HIS A 199 -6.21 23.47 26.13
C HIS A 199 -5.48 23.07 27.42
N THR A 200 -4.38 22.35 27.29
CA THR A 200 -3.64 21.86 28.45
C THR A 200 -2.72 22.91 29.06
N GLY A 201 -2.47 24.01 28.36
CA GLY A 201 -1.54 25.02 28.84
C GLY A 201 -0.08 24.70 28.62
N GLU A 202 0.23 23.59 27.96
CA GLU A 202 1.61 23.22 27.71
C GLU A 202 2.23 24.17 26.70
N LYS A 203 3.49 24.54 26.96
CA LYS A 203 4.25 25.42 26.07
C LYS A 203 5.56 24.71 25.75
N PRO A 204 5.53 23.73 24.84
CA PRO A 204 6.73 22.92 24.59
C PRO A 204 7.92 23.72 24.09
N TYR A 205 7.70 24.76 23.29
CA TYR A 205 8.78 25.53 22.70
C TYR A 205 9.23 26.61 23.67
N ALA A 206 10.52 26.63 23.97
CA ALA A 206 11.10 27.54 24.95
C ALA A 206 12.18 28.39 24.29
N CYS A 207 12.25 29.65 24.70
CA CYS A 207 13.29 30.55 24.19
C CYS A 207 14.62 30.21 24.83
N SER A 208 15.67 30.11 24.01
CA SER A 208 17.00 29.78 24.51
C SER A 208 17.74 30.98 25.07
N HIS A 209 17.18 32.19 24.95
CA HIS A 209 17.83 33.39 25.46
C HIS A 209 17.01 34.10 26.54
N CYS A 210 15.86 33.55 26.93
CA CYS A 210 15.02 34.15 27.95
C CYS A 210 14.25 33.05 28.67
N ASP A 211 13.33 33.45 29.54
CA ASP A 211 12.53 32.51 30.32
C ASP A 211 11.15 32.28 29.73
N LYS A 212 10.88 32.81 28.54
CA LYS A 212 9.57 32.74 27.94
C LYS A 212 9.41 31.46 27.11
N THR A 213 8.25 30.81 27.26
CA THR A 213 7.92 29.60 26.53
C THR A 213 6.65 29.82 25.73
N PHE A 214 6.51 29.08 24.63
CA PHE A 214 5.41 29.27 23.70
C PHE A 214 4.82 27.92 23.31
N ARG A 215 3.53 27.94 22.97
CA ARG A 215 2.79 26.75 22.60
C ARG A 215 2.93 26.38 21.13
N GLN A 216 3.49 27.26 20.30
CA GLN A 216 3.65 27.02 18.88
C GLN A 216 5.06 27.40 18.44
N LYS A 217 5.52 26.76 17.36
CA LYS A 217 6.85 27.05 16.86
C LYS A 217 6.93 28.43 16.24
N GLN A 218 5.91 28.82 15.45
CA GLN A 218 5.94 30.11 14.78
C GLN A 218 5.86 31.27 15.76
N LEU A 219 5.15 31.10 16.87
CA LEU A 219 5.10 32.14 17.89
C LEU A 219 6.49 32.39 18.48
N LEU A 220 7.22 31.31 18.77
CA LEU A 220 8.59 31.46 19.27
C LEU A 220 9.49 32.07 18.21
N ASP A 221 9.30 31.69 16.94
CA ASP A 221 10.11 32.25 15.87
C ASP A 221 9.92 33.76 15.75
N MET A 222 8.66 34.21 15.84
CA MET A 222 8.40 35.64 15.74
C MET A 222 8.89 36.38 16.97
N HIS A 223 8.79 35.76 18.15
CA HIS A 223 9.32 36.36 19.37
C HIS A 223 10.83 36.53 19.29
N PHE A 224 11.53 35.51 18.78
CA PHE A 224 12.98 35.62 18.63
C PHE A 224 13.35 36.69 17.61
N LYS A 225 12.60 36.76 16.51
CA LYS A 225 12.89 37.76 15.48
C LYS A 225 12.57 39.17 15.95
N ARG A 226 11.70 39.33 16.95
CA ARG A 226 11.34 40.65 17.46
C ARG A 226 12.26 41.09 18.59
N TYR A 227 12.33 40.31 19.67
CA TYR A 227 13.02 40.71 20.88
C TYR A 227 14.41 40.11 21.00
N HIS A 228 14.92 39.48 19.94
CA HIS A 228 16.29 38.97 19.94
C HIS A 228 17.00 39.24 18.62
N ASP A 229 16.45 40.08 17.75
CA ASP A 229 17.07 40.43 16.47
C ASP A 229 16.99 41.94 16.29
N PRO A 230 18.09 42.67 16.54
CA PRO A 230 18.05 44.12 16.40
C PRO A 230 17.80 44.59 14.98
N ASN A 231 18.01 43.75 13.97
CA ASN A 231 17.88 44.15 12.58
C ASN A 231 16.46 44.01 12.04
N PHE A 232 15.51 43.63 12.88
CA PHE A 232 14.11 43.46 12.47
C PHE A 232 13.32 44.72 12.78
N VAL A 233 12.59 45.20 11.79
CA VAL A 233 11.73 46.37 11.92
C VAL A 233 10.32 45.95 11.50
N PRO A 234 9.31 46.15 12.34
CA PRO A 234 7.93 45.77 11.94
C PRO A 234 7.48 46.53 10.71
N ALA A 235 6.70 45.86 9.87
CA ALA A 235 6.20 46.47 8.65
C ALA A 235 5.10 47.47 8.98
N ALA A 236 5.35 48.74 8.67
CA ALA A 236 4.41 49.82 8.93
C ALA A 236 3.76 50.28 7.63
N PHE A 237 2.43 50.34 7.62
CA PHE A 237 1.66 50.76 6.46
C PHE A 237 1.02 52.10 6.77
N VAL A 238 1.45 53.15 6.08
CA VAL A 238 0.88 54.47 6.27
C VAL A 238 -0.44 54.56 5.53
N CYS A 239 -1.36 55.34 6.09
CA CYS A 239 -2.65 55.56 5.44
C CYS A 239 -2.47 56.32 4.13
N SER A 240 -3.33 56.00 3.16
CA SER A 240 -3.23 56.65 1.86
C SER A 240 -3.49 58.15 1.96
N LYS A 241 -4.50 58.55 2.74
CA LYS A 241 -4.88 59.96 2.83
C LYS A 241 -4.23 60.66 4.03
N CYS A 242 -4.50 60.19 5.24
CA CYS A 242 -4.01 60.86 6.44
C CYS A 242 -2.54 60.53 6.71
N GLY A 243 -2.10 59.33 6.36
CA GLY A 243 -0.73 58.93 6.58
C GLY A 243 -0.43 58.30 7.92
N LYS A 244 -1.46 58.02 8.73
CA LYS A 244 -1.24 57.36 10.00
C LYS A 244 -0.67 55.96 9.78
N THR A 245 0.36 55.61 10.56
CA THR A 245 1.03 54.34 10.39
C THR A 245 0.24 53.22 11.07
N PHE A 246 0.17 52.07 10.40
CA PHE A 246 -0.51 50.89 10.91
C PHE A 246 0.41 49.69 10.75
N THR A 247 0.56 48.91 11.83
CA THR A 247 1.38 47.70 11.77
C THR A 247 0.71 46.63 10.92
N ARG A 248 -0.61 46.53 11.01
CA ARG A 248 -1.37 45.55 10.24
C ARG A 248 -1.96 46.22 9.00
N ARG A 249 -1.78 45.58 7.84
CA ARG A 249 -2.26 46.17 6.60
C ARG A 249 -3.78 46.24 6.56
N ASN A 250 -4.45 45.25 7.15
CA ASN A 250 -5.91 45.20 7.10
C ASN A 250 -6.52 46.40 7.81
N THR A 251 -5.98 46.77 8.97
CA THR A 251 -6.46 47.96 9.66
C THR A 251 -6.19 49.22 8.85
N MET A 252 -5.03 49.27 8.19
CA MET A 252 -4.71 50.42 7.33
C MET A 252 -5.68 50.51 6.16
N ALA A 253 -6.00 49.37 5.53
CA ALA A 253 -6.93 49.39 4.41
C ALA A 253 -8.33 49.79 4.86
N ARG A 254 -8.78 49.28 6.00
CA ARG A 254 -10.09 49.65 6.51
C ARG A 254 -10.13 51.14 6.88
N HIS A 255 -9.06 51.65 7.49
CA HIS A 255 -9.01 53.06 7.82
C HIS A 255 -9.03 53.91 6.56
N ALA A 256 -8.27 53.52 5.53
CA ALA A 256 -8.24 54.28 4.29
C ALA A 256 -9.61 54.29 3.61
N ASP A 257 -10.33 53.16 3.66
CA ASP A 257 -11.67 53.12 3.09
C ASP A 257 -12.60 54.07 3.82
N ASN A 258 -12.49 54.15 5.14
CA ASN A 258 -13.32 55.04 5.95
C ASN A 258 -12.68 56.41 6.18
N CYS A 259 -11.48 56.65 5.67
CA CYS A 259 -10.83 57.93 5.86
C CYS A 259 -11.50 58.99 5.00
N ALA A 260 -11.60 60.20 5.56
CA ALA A 260 -12.22 61.32 4.84
C ALA A 260 -11.16 62.25 4.28
N LYS D 31 -15.99 23.87 54.53
CA LYS D 31 -15.69 24.11 53.12
C LYS D 31 -16.14 25.51 52.69
N PRO D 32 -15.47 26.54 53.22
CA PRO D 32 -15.90 27.91 52.88
C PRO D 32 -15.64 28.28 51.44
N PHE D 33 -14.51 27.86 50.87
CA PHE D 33 -14.10 28.25 49.53
C PHE D 33 -14.60 27.22 48.54
N LYS D 34 -15.69 27.55 47.84
CA LYS D 34 -16.28 26.66 46.84
C LYS D 34 -15.78 27.05 45.46
N CYS D 35 -15.56 26.04 44.62
CA CYS D 35 -15.11 26.28 43.25
C CYS D 35 -16.29 26.73 42.38
N SER D 36 -16.01 27.66 41.47
CA SER D 36 -17.03 28.13 40.53
C SER D 36 -17.15 27.24 39.30
N MET D 37 -16.05 26.63 38.87
CA MET D 37 -16.08 25.78 37.68
C MET D 37 -16.74 24.44 37.93
N CYS D 38 -16.69 23.94 39.16
CA CYS D 38 -17.21 22.61 39.48
C CYS D 38 -17.72 22.62 40.91
N ASP D 39 -17.95 21.44 41.48
CA ASP D 39 -18.48 21.30 42.82
C ASP D 39 -17.39 21.25 43.88
N TYR D 40 -16.13 21.46 43.51
CA TYR D 40 -15.03 21.37 44.46
C TYR D 40 -15.14 22.44 45.53
N ALA D 41 -14.74 22.09 46.75
CA ALA D 41 -14.71 23.03 47.86
C ALA D 41 -13.60 22.61 48.81
N SER D 42 -12.87 23.60 49.33
CA SER D 42 -11.72 23.33 50.18
C SER D 42 -11.70 24.30 51.35
N VAL D 43 -10.96 23.92 52.39
CA VAL D 43 -10.83 24.75 53.57
C VAL D 43 -9.73 25.80 53.43
N GLU D 44 -8.73 25.56 52.59
CA GLU D 44 -7.63 26.49 52.38
C GLU D 44 -7.74 27.14 51.00
N VAL D 45 -7.27 28.39 50.92
CA VAL D 45 -7.30 29.12 49.66
C VAL D 45 -6.34 28.50 48.65
N SER D 46 -5.18 28.01 49.13
CA SER D 46 -4.18 27.46 48.23
C SER D 46 -4.70 26.23 47.49
N LYS D 47 -5.46 25.39 48.17
CA LYS D 47 -6.02 24.19 47.54
C LYS D 47 -6.97 24.57 46.41
N LEU D 48 -7.83 25.56 46.64
CA LEU D 48 -8.76 25.99 45.60
C LEU D 48 -8.02 26.63 44.43
N LYS D 49 -7.02 27.46 44.71
CA LYS D 49 -6.25 28.09 43.63
C LYS D 49 -5.54 27.05 42.79
N ARG D 50 -4.99 26.01 43.44
CA ARG D 50 -4.39 24.91 42.69
C ARG D 50 -5.43 24.17 41.87
N HIS D 51 -6.62 23.97 42.44
CA HIS D 51 -7.68 23.25 41.73
C HIS D 51 -8.16 24.01 40.49
N ILE D 52 -8.28 25.34 40.60
CA ILE D 52 -8.73 26.14 39.47
C ILE D 52 -7.77 26.00 38.30
N ARG D 53 -6.49 25.75 38.58
CA ARG D 53 -5.51 25.57 37.51
C ARG D 53 -5.79 24.34 36.66
N SER D 54 -6.63 23.41 37.13
CA SER D 54 -7.07 22.32 36.27
C SER D 54 -7.93 22.83 35.11
N HIS D 55 -8.86 23.74 35.41
CA HIS D 55 -9.71 24.32 34.37
C HIS D 55 -8.96 25.34 33.52
N THR D 56 -8.11 26.15 34.15
CA THR D 56 -7.43 27.23 33.45
C THR D 56 -6.10 26.81 32.83
N GLY D 57 -5.47 25.76 33.34
CA GLY D 57 -4.16 25.38 32.85
C GLY D 57 -3.03 26.26 33.33
N GLU D 58 -3.29 27.13 34.31
CA GLU D 58 -2.27 28.04 34.81
C GLU D 58 -1.14 27.26 35.47
N ARG D 59 0.06 27.40 34.93
CA ARG D 59 1.24 26.68 35.42
C ARG D 59 2.27 27.68 35.93
N PRO D 60 2.37 27.88 37.24
CA PRO D 60 3.26 28.96 37.74
C PRO D 60 4.74 28.66 37.61
N PHE D 61 5.17 27.44 37.92
CA PHE D 61 6.60 27.13 38.07
C PHE D 61 7.10 26.38 36.85
N GLN D 62 8.13 26.94 36.21
CA GLN D 62 8.80 26.32 35.07
C GLN D 62 10.12 25.73 35.52
N CYS D 63 10.42 24.52 35.06
CA CYS D 63 11.72 23.90 35.32
C CYS D 63 12.83 24.72 34.68
N SER D 64 13.96 24.83 35.37
CA SER D 64 15.08 25.59 34.83
C SER D 64 15.78 24.86 33.71
N LEU D 65 15.75 23.53 33.71
CA LEU D 65 16.48 22.73 32.73
C LEU D 65 15.60 22.27 31.57
N CYS D 66 14.34 22.69 31.51
CA CYS D 66 13.44 22.27 30.44
C CYS D 66 12.30 23.28 30.34
N SER D 67 11.35 22.99 29.46
CA SER D 67 10.19 23.84 29.26
C SER D 67 8.98 23.41 30.06
N TYR D 68 9.10 22.34 30.87
CA TYR D 68 7.97 21.87 31.64
C TYR D 68 7.58 22.88 32.71
N ALA D 69 6.29 23.21 32.77
CA ALA D 69 5.76 24.12 33.76
C ALA D 69 4.78 23.36 34.65
N SER D 70 5.03 23.39 35.95
CA SER D 70 4.23 22.65 36.91
C SER D 70 3.22 23.56 37.59
N ARG D 71 2.35 22.95 38.40
CA ARG D 71 1.30 23.67 39.12
C ARG D 71 1.41 23.44 40.63
N ASP D 72 2.55 22.96 41.11
CA ASP D 72 2.81 22.79 42.53
C ASP D 72 4.32 22.69 42.72
N THR D 73 4.78 23.08 43.90
CA THR D 73 6.21 23.00 44.21
C THR D 73 6.67 21.54 44.25
N TYR D 74 5.83 20.65 44.78
CA TYR D 74 6.19 19.23 44.83
C TYR D 74 6.34 18.64 43.43
N LYS D 75 5.47 19.05 42.50
CA LYS D 75 5.56 18.55 41.13
C LYS D 75 6.88 18.96 40.48
N LEU D 76 7.30 20.20 40.69
CA LEU D 76 8.58 20.65 40.16
C LEU D 76 9.75 19.90 40.80
N LYS D 77 9.68 19.68 42.12
CA LYS D 77 10.72 18.91 42.79
C LYS D 77 10.78 17.48 42.26
N ARG D 78 9.62 16.86 42.05
CA ARG D 78 9.56 15.52 41.49
C ARG D 78 10.09 15.51 40.05
N HIS D 79 9.78 16.55 39.28
CA HIS D 79 10.25 16.63 37.90
C HIS D 79 11.75 16.80 37.82
N MET D 80 12.36 17.50 38.78
CA MET D 80 13.81 17.71 38.75
C MET D 80 14.57 16.40 38.86
N ARG D 81 13.94 15.33 39.35
CA ARG D 81 14.61 14.04 39.43
C ARG D 81 14.89 13.44 38.06
N THR D 82 14.03 13.73 37.07
CA THR D 82 14.27 13.20 35.73
C THR D 82 15.51 13.80 35.08
N HIS D 83 16.00 14.93 35.58
CA HIS D 83 17.24 15.53 35.13
C HIS D 83 18.42 15.18 36.02
N SER D 84 18.23 15.23 37.35
CA SER D 84 19.31 14.91 38.28
C SER D 84 19.55 13.41 38.39
N GLY D 85 18.50 12.59 38.27
CA GLY D 85 18.64 11.17 38.40
C GLY D 85 18.60 10.63 39.81
N GLU D 86 18.26 11.47 40.79
CA GLU D 86 18.22 11.03 42.17
C GLU D 86 17.09 10.03 42.40
N LYS D 87 17.36 9.01 43.20
CA LYS D 87 16.36 8.00 43.57
C LYS D 87 16.31 7.92 45.09
N PRO D 88 15.46 8.73 45.73
CA PRO D 88 15.43 8.77 47.20
C PRO D 88 14.65 7.63 47.83
N TYR D 89 13.95 6.83 47.05
CA TYR D 89 13.11 5.75 47.56
C TYR D 89 13.76 4.41 47.26
N GLU D 90 13.88 3.58 48.29
CA GLU D 90 14.47 2.25 48.17
C GLU D 90 13.54 1.22 48.78
N CYS D 91 13.24 0.17 48.02
CA CYS D 91 12.46 -0.94 48.55
C CYS D 91 13.19 -1.59 49.71
N TYR D 92 12.46 -1.87 50.78
CA TYR D 92 13.09 -2.41 51.99
C TYR D 92 13.33 -3.91 51.91
N ILE D 93 12.90 -4.57 50.84
CA ILE D 93 13.06 -6.01 50.71
C ILE D 93 14.17 -6.32 49.72
N CYS D 94 13.99 -5.91 48.46
CA CYS D 94 14.93 -6.19 47.40
C CYS D 94 15.98 -5.09 47.23
N HIS D 95 15.87 -4.00 47.98
CA HIS D 95 16.83 -2.89 47.94
C HIS D 95 16.91 -2.28 46.54
N ALA D 96 15.81 -2.28 45.80
CA ALA D 96 15.72 -1.60 44.52
C ALA D 96 15.35 -0.14 44.74
N ARG D 97 15.91 0.74 43.92
CA ARG D 97 15.74 2.18 44.09
C ARG D 97 14.69 2.72 43.12
N PHE D 98 13.89 3.67 43.61
CA PHE D 98 12.83 4.28 42.82
C PHE D 98 12.84 5.78 43.05
N THR D 99 12.28 6.52 42.09
CA THR D 99 12.21 7.96 42.16
C THR D 99 10.94 8.47 42.83
N GLN D 100 9.98 7.60 43.14
CA GLN D 100 8.73 8.01 43.75
C GLN D 100 8.29 6.96 44.76
N SER D 101 7.46 7.39 45.71
CA SER D 101 6.90 6.47 46.69
C SER D 101 5.85 5.56 46.07
N GLY D 102 5.05 6.10 45.14
CA GLY D 102 4.03 5.29 44.50
C GLY D 102 4.63 4.16 43.68
N THR D 103 5.73 4.43 42.98
CA THR D 103 6.39 3.38 42.21
C THR D 103 6.93 2.29 43.11
N MET D 104 7.51 2.67 44.26
CA MET D 104 8.01 1.67 45.20
C MET D 104 6.87 0.82 45.77
N LYS D 105 5.75 1.47 46.13
CA LYS D 105 4.61 0.73 46.66
C LYS D 105 4.02 -0.21 45.62
N MET D 106 3.93 0.25 44.36
CA MET D 106 3.45 -0.63 43.30
C MET D 106 4.42 -1.79 43.08
N HIS D 107 5.73 -1.53 43.15
CA HIS D 107 6.70 -2.60 43.02
C HIS D 107 6.54 -3.64 44.12
N ILE D 108 6.37 -3.18 45.36
CA ILE D 108 6.20 -4.12 46.48
C ILE D 108 4.94 -4.94 46.30
N LEU D 109 3.85 -4.30 45.85
CA LEU D 109 2.59 -5.01 45.66
C LEU D 109 2.71 -6.06 44.56
N GLN D 110 3.39 -5.73 43.46
CA GLN D 110 3.46 -6.61 42.31
C GLN D 110 4.62 -7.59 42.34
N LYS D 111 5.54 -7.47 43.30
CA LYS D 111 6.71 -8.33 43.31
C LYS D 111 6.91 -9.05 44.64
N HIS D 112 6.48 -8.44 45.74
CA HIS D 112 6.73 -8.96 47.07
C HIS D 112 5.44 -9.12 47.86
N THR D 113 4.40 -9.66 47.23
CA THR D 113 3.11 -9.83 47.89
C THR D 113 2.47 -11.12 47.39
N GLU D 114 2.20 -12.03 48.32
CA GLU D 114 1.33 -13.16 47.99
C GLU D 114 -0.12 -12.71 48.07
N ASN D 115 -0.99 -13.45 47.39
CA ASN D 115 -2.43 -13.17 47.35
C ASN D 115 -2.69 -11.79 46.76
N VAL D 116 -2.18 -11.59 45.55
CA VAL D 116 -2.40 -10.35 44.80
C VAL D 116 -3.64 -10.52 43.93
N ALA D 117 -4.56 -9.57 44.03
CA ALA D 117 -5.80 -9.59 43.24
C ALA D 117 -5.52 -8.97 41.88
N LYS D 118 -5.56 -9.79 40.84
CA LYS D 118 -5.32 -9.28 39.49
C LYS D 118 -6.62 -8.73 38.91
N PHE D 119 -6.48 -7.96 37.83
CA PHE D 119 -7.62 -7.35 37.16
C PHE D 119 -8.08 -8.22 36.00
N HIS D 120 -9.39 -8.45 35.93
CA HIS D 120 -10.00 -9.19 34.83
C HIS D 120 -10.67 -8.20 33.88
N CYS D 121 -10.39 -8.35 32.60
CA CYS D 121 -11.02 -7.48 31.60
C CYS D 121 -12.52 -7.74 31.56
N PRO D 122 -13.35 -6.70 31.64
CA PRO D 122 -14.80 -6.91 31.50
C PRO D 122 -15.21 -7.45 30.14
N HIS D 123 -14.50 -7.07 29.08
CA HIS D 123 -14.91 -7.39 27.71
C HIS D 123 -14.22 -8.61 27.13
N CYS D 124 -13.26 -9.21 27.85
CA CYS D 124 -12.58 -10.40 27.35
C CYS D 124 -11.98 -11.15 28.54
N ASP D 125 -11.33 -12.27 28.26
CA ASP D 125 -10.80 -13.15 29.30
C ASP D 125 -9.39 -12.79 29.72
N THR D 126 -8.79 -11.76 29.14
CA THR D 126 -7.42 -11.39 29.48
C THR D 126 -7.35 -10.90 30.92
N VAL D 127 -6.36 -11.39 31.67
CA VAL D 127 -6.16 -11.02 33.06
C VAL D 127 -4.83 -10.27 33.18
N ILE D 128 -4.89 -9.06 33.76
CA ILE D 128 -3.75 -8.16 33.81
C ILE D 128 -3.49 -7.78 35.26
N ALA D 129 -2.22 -7.73 35.64
CA ALA D 129 -1.86 -7.46 37.04
C ALA D 129 -2.19 -6.03 37.43
N ARG D 130 -1.60 -5.06 36.75
CA ARG D 130 -1.78 -3.67 37.11
C ARG D 130 -3.11 -3.12 36.57
N LYS D 131 -3.46 -1.92 37.03
CA LYS D 131 -4.70 -1.30 36.56
C LYS D 131 -4.46 -0.38 35.37
N SER D 132 -3.31 0.32 35.37
CA SER D 132 -2.96 1.17 34.24
C SER D 132 -2.79 0.34 32.97
N ASP D 133 -2.15 -0.83 33.09
CA ASP D 133 -2.03 -1.73 31.94
C ASP D 133 -3.39 -2.24 31.48
N LEU D 134 -4.33 -2.44 32.41
CA LEU D 134 -5.69 -2.79 32.01
C LEU D 134 -6.34 -1.67 31.20
N GLY D 135 -6.11 -0.42 31.61
CA GLY D 135 -6.61 0.70 30.82
C GLY D 135 -5.97 0.76 29.45
N VAL D 136 -4.67 0.42 29.37
CA VAL D 136 -4.01 0.33 28.07
C VAL D 136 -4.67 -0.74 27.22
N HIS D 137 -4.95 -1.90 27.82
CA HIS D 137 -5.60 -2.97 27.08
C HIS D 137 -6.99 -2.55 26.60
N LEU D 138 -7.76 -1.87 27.45
CA LEU D 138 -9.09 -1.43 27.06
C LEU D 138 -9.02 -0.45 25.89
N ARG D 139 -8.05 0.48 25.92
CA ARG D 139 -7.93 1.46 24.85
C ARG D 139 -7.43 0.85 23.56
N LYS D 140 -6.57 -0.18 23.64
CA LYS D 140 -5.99 -0.78 22.45
C LYS D 140 -6.73 -2.03 21.97
N GLN D 141 -7.69 -2.54 22.74
CA GLN D 141 -8.41 -3.75 22.35
C GLN D 141 -9.92 -3.61 22.38
N HIS D 142 -10.49 -2.67 23.14
CA HIS D 142 -11.93 -2.56 23.26
C HIS D 142 -12.44 -1.14 23.02
N SER D 143 -11.57 -0.21 22.63
CA SER D 143 -12.02 1.13 22.30
C SER D 143 -12.65 1.16 20.91
N TYR D 144 -13.75 1.89 20.78
CA TYR D 144 -14.48 1.96 19.52
C TYR D 144 -13.68 2.78 18.51
N ILE D 145 -13.10 2.11 17.53
CA ILE D 145 -12.43 2.80 16.42
C ILE D 145 -13.47 3.18 15.40
N GLU D 146 -13.66 4.50 15.21
CA GLU D 146 -14.80 4.99 14.44
C GLU D 146 -14.63 4.72 12.95
N GLN D 147 -13.42 4.95 12.42
CA GLN D 147 -13.20 4.72 10.99
C GLN D 147 -13.28 3.24 10.62
N GLY D 148 -13.10 2.34 11.57
CA GLY D 148 -13.17 0.92 11.30
C GLY D 148 -11.87 0.37 10.75
N LYS D 149 -11.78 -0.96 10.77
CA LYS D 149 -10.64 -1.67 10.22
C LYS D 149 -11.16 -2.91 9.49
N LYS D 150 -10.81 -3.04 8.22
CA LYS D 150 -11.28 -4.16 7.41
C LYS D 150 -10.53 -5.43 7.75
N CYS D 151 -11.24 -6.55 7.73
CA CYS D 151 -10.60 -7.85 7.89
C CYS D 151 -9.59 -8.08 6.77
N ARG D 152 -8.47 -8.71 7.11
CA ARG D 152 -7.42 -8.94 6.12
C ARG D 152 -7.86 -9.87 5.01
N TYR D 153 -8.89 -10.69 5.24
CA TYR D 153 -9.25 -11.74 4.31
C TYR D 153 -10.63 -11.58 3.68
N CYS D 154 -11.47 -10.67 4.16
CA CYS D 154 -12.83 -10.54 3.65
C CYS D 154 -13.23 -9.07 3.66
N ASP D 155 -14.50 -8.82 3.31
CA ASP D 155 -15.02 -7.45 3.21
C ASP D 155 -15.33 -6.84 4.57
N ALA D 156 -15.49 -7.66 5.61
CA ALA D 156 -15.98 -7.15 6.89
C ALA D 156 -15.02 -6.12 7.46
N VAL D 157 -15.58 -4.99 7.89
CA VAL D 157 -14.84 -3.94 8.57
C VAL D 157 -15.39 -3.84 9.99
N PHE D 158 -14.51 -4.03 10.97
CA PHE D 158 -14.90 -4.03 12.37
C PHE D 158 -14.53 -2.71 13.04
N HIS D 159 -15.29 -2.38 14.09
CA HIS D 159 -15.07 -1.17 14.86
C HIS D 159 -14.47 -1.45 16.24
N GLU D 160 -13.93 -2.66 16.43
CA GLU D 160 -13.22 -3.00 17.66
C GLU D 160 -12.09 -3.96 17.31
N ARG D 161 -10.90 -3.68 17.83
CA ARG D 161 -9.74 -4.50 17.50
C ARG D 161 -9.92 -5.95 17.95
N TYR D 162 -10.47 -6.15 19.15
CA TYR D 162 -10.66 -7.50 19.65
C TYR D 162 -11.62 -8.30 18.77
N ALA D 163 -12.73 -7.68 18.37
CA ALA D 163 -13.68 -8.38 17.49
C ALA D 163 -13.07 -8.67 16.13
N LEU D 164 -12.27 -7.73 15.60
CA LEU D 164 -11.63 -7.94 14.31
C LEU D 164 -10.66 -9.11 14.36
N ILE D 165 -9.85 -9.21 15.42
CA ILE D 165 -8.88 -10.28 15.53
C ILE D 165 -9.57 -11.63 15.69
N GLN D 166 -10.68 -11.66 16.45
CA GLN D 166 -11.44 -12.90 16.58
C GLN D 166 -12.02 -13.33 15.24
N HIS D 167 -12.48 -12.37 14.43
CA HIS D 167 -12.98 -12.71 13.10
C HIS D 167 -11.89 -13.31 12.23
N GLN D 168 -10.69 -12.73 12.27
CA GLN D 168 -9.57 -13.30 11.52
C GLN D 168 -9.19 -14.67 12.03
N LYS D 169 -9.32 -14.90 13.34
CA LYS D 169 -9.11 -16.25 13.87
C LYS D 169 -10.15 -17.22 13.33
N SER D 170 -11.39 -16.75 13.15
CA SER D 170 -12.42 -17.59 12.57
C SER D 170 -12.09 -17.94 11.12
N HIS D 171 -11.48 -17.00 10.39
CA HIS D 171 -11.05 -17.27 9.03
C HIS D 171 -9.95 -18.33 8.98
N LYS D 172 -9.14 -18.44 10.04
CA LYS D 172 -8.04 -19.39 10.05
C LYS D 172 -8.51 -20.83 9.98
N ASN D 173 -9.76 -21.12 10.38
CA ASN D 173 -10.24 -22.50 10.40
C ASN D 173 -10.23 -23.12 9.02
N GLU D 174 -10.68 -22.38 8.02
CA GLU D 174 -10.69 -22.84 6.64
C GLU D 174 -9.64 -22.08 5.84
N LYS D 175 -9.09 -22.75 4.82
CA LYS D 175 -8.07 -22.12 3.99
C LYS D 175 -8.67 -20.92 3.26
N ARG D 176 -8.29 -19.72 3.70
CA ARG D 176 -9.03 -18.51 3.32
C ARG D 176 -8.99 -18.24 1.82
N PHE D 177 -7.82 -18.42 1.20
CA PHE D 177 -7.66 -18.10 -0.21
C PHE D 177 -8.24 -19.22 -1.05
N LYS D 178 -9.43 -19.00 -1.59
CA LYS D 178 -10.14 -20.00 -2.38
C LYS D 178 -10.14 -19.62 -3.85
N CYS D 179 -9.95 -20.61 -4.71
CA CYS D 179 -9.83 -20.38 -6.14
C CYS D 179 -11.17 -19.96 -6.74
N ASP D 180 -11.10 -19.43 -7.96
CA ASP D 180 -12.29 -18.95 -8.64
C ASP D 180 -12.88 -19.98 -9.60
N GLN D 181 -12.04 -20.84 -10.19
CA GLN D 181 -12.49 -21.83 -11.15
C GLN D 181 -12.56 -23.24 -10.58
N CYS D 182 -12.39 -23.40 -9.27
CA CYS D 182 -12.42 -24.72 -8.65
C CYS D 182 -12.73 -24.57 -7.17
N ASP D 183 -12.98 -25.71 -6.53
CA ASP D 183 -13.29 -25.77 -5.11
C ASP D 183 -12.04 -25.89 -4.24
N TYR D 184 -10.87 -25.56 -4.77
CA TYR D 184 -9.62 -25.65 -4.03
C TYR D 184 -9.37 -24.38 -3.23
N ALA D 185 -8.79 -24.55 -2.05
CA ALA D 185 -8.45 -23.43 -1.18
C ALA D 185 -7.07 -23.67 -0.57
N CYS D 186 -6.39 -22.57 -0.24
CA CYS D 186 -5.06 -22.65 0.35
C CYS D 186 -4.89 -21.51 1.34
N ARG D 187 -3.95 -21.69 2.27
CA ARG D 187 -3.70 -20.72 3.33
C ARG D 187 -2.59 -19.73 2.99
N GLN D 188 -1.96 -19.85 1.83
CA GLN D 188 -0.92 -18.93 1.40
C GLN D 188 -1.25 -18.37 0.02
N GLU D 189 -0.96 -17.10 -0.18
CA GLU D 189 -1.27 -16.45 -1.45
C GLU D 189 -0.43 -17.00 -2.60
N ARG D 190 0.81 -17.40 -2.31
CA ARG D 190 1.65 -17.97 -3.35
C ARG D 190 1.08 -19.29 -3.86
N HIS D 191 0.50 -20.10 -2.96
CA HIS D 191 -0.18 -21.31 -3.40
C HIS D 191 -1.40 -20.97 -4.26
N MET D 192 -2.10 -19.88 -3.92
CA MET D 192 -3.22 -19.43 -4.74
C MET D 192 -2.74 -19.02 -6.13
N ILE D 193 -1.61 -18.33 -6.21
CA ILE D 193 -1.07 -17.93 -7.51
C ILE D 193 -0.69 -19.16 -8.33
N MET D 194 -0.04 -20.14 -7.70
CA MET D 194 0.35 -21.36 -8.41
C MET D 194 -0.88 -22.13 -8.89
N HIS D 195 -1.92 -22.21 -8.06
CA HIS D 195 -3.13 -22.92 -8.46
C HIS D 195 -3.80 -22.23 -9.64
N LYS D 196 -3.87 -20.89 -9.62
CA LYS D 196 -4.40 -20.17 -10.77
C LYS D 196 -3.50 -20.31 -11.99
N ARG D 197 -2.19 -20.49 -11.78
CA ARG D 197 -1.29 -20.73 -12.90
C ARG D 197 -1.56 -22.06 -13.59
N THR D 198 -2.18 -23.02 -12.89
CA THR D 198 -2.62 -24.24 -13.56
C THR D 198 -3.80 -24.00 -14.49
N HIS D 199 -4.56 -22.93 -14.25
CA HIS D 199 -5.67 -22.55 -15.12
C HIS D 199 -5.26 -21.55 -16.20
N THR D 200 -4.02 -21.09 -16.20
CA THR D 200 -3.55 -20.10 -17.16
C THR D 200 -2.29 -20.61 -17.84
N GLY D 201 -1.94 -19.98 -18.96
CA GLY D 201 -0.75 -20.33 -19.70
C GLY D 201 0.45 -19.48 -19.30
N GLU D 202 0.36 -18.81 -18.15
CA GLU D 202 1.42 -17.93 -17.70
C GLU D 202 2.65 -18.74 -17.31
N LYS D 203 3.75 -18.54 -18.05
CA LYS D 203 5.02 -19.23 -17.80
C LYS D 203 6.12 -18.19 -17.73
N PRO D 204 6.18 -17.40 -16.65
CA PRO D 204 7.15 -16.30 -16.57
C PRO D 204 8.55 -16.75 -16.19
N TYR D 205 8.70 -17.93 -15.57
CA TYR D 205 10.01 -18.40 -15.11
C TYR D 205 10.76 -19.05 -16.29
N ALA D 206 11.17 -18.20 -17.23
CA ALA D 206 11.88 -18.67 -18.41
C ALA D 206 13.27 -19.15 -18.06
N CYS D 207 13.69 -20.25 -18.67
CA CYS D 207 15.03 -20.77 -18.46
C CYS D 207 16.06 -19.84 -19.11
N SER D 208 17.19 -19.66 -18.42
CA SER D 208 18.24 -18.77 -18.92
C SER D 208 19.14 -19.44 -19.94
N HIS D 209 18.97 -20.74 -20.19
CA HIS D 209 19.81 -21.46 -21.13
C HIS D 209 19.03 -22.20 -22.21
N CYS D 210 17.73 -22.39 -22.04
CA CYS D 210 16.91 -23.10 -23.03
C CYS D 210 15.56 -22.42 -23.15
N ASP D 211 14.80 -22.83 -24.15
CA ASP D 211 13.51 -22.22 -24.45
C ASP D 211 12.39 -22.71 -23.55
N LYS D 212 12.63 -23.70 -22.70
CA LYS D 212 11.57 -24.26 -21.88
C LYS D 212 11.19 -23.32 -20.75
N THR D 213 9.89 -23.08 -20.61
CA THR D 213 9.35 -22.22 -19.57
C THR D 213 8.40 -23.01 -18.69
N PHE D 214 8.33 -22.63 -17.41
CA PHE D 214 7.60 -23.39 -16.41
C PHE D 214 6.72 -22.47 -15.57
N ARG D 215 5.66 -23.03 -15.01
CA ARG D 215 4.68 -22.28 -14.24
C ARG D 215 5.05 -22.15 -12.77
N GLN D 216 6.10 -22.84 -12.31
CA GLN D 216 6.55 -22.75 -10.93
C GLN D 216 8.06 -22.58 -10.89
N LYS D 217 8.53 -21.91 -9.85
CA LYS D 217 9.97 -21.67 -9.70
C LYS D 217 10.70 -22.94 -9.30
N GLN D 218 10.03 -23.85 -8.58
CA GLN D 218 10.64 -25.13 -8.24
C GLN D 218 10.97 -25.93 -9.49
N LEU D 219 10.04 -25.94 -10.46
CA LEU D 219 10.28 -26.68 -11.70
C LEU D 219 11.43 -26.07 -12.50
N LEU D 220 11.52 -24.74 -12.52
CA LEU D 220 12.62 -24.09 -13.23
C LEU D 220 13.96 -24.44 -12.60
N ASP D 221 14.04 -24.40 -11.28
CA ASP D 221 15.28 -24.78 -10.61
C ASP D 221 15.63 -26.23 -10.85
N MET D 222 14.61 -27.11 -10.81
CA MET D 222 14.85 -28.53 -11.05
C MET D 222 15.33 -28.78 -12.48
N HIS D 223 14.73 -28.09 -13.45
CA HIS D 223 15.18 -28.21 -14.83
C HIS D 223 16.60 -27.69 -14.99
N PHE D 224 16.92 -26.57 -14.33
CA PHE D 224 18.26 -26.01 -14.42
C PHE D 224 19.29 -26.95 -13.79
N LYS D 225 18.94 -27.59 -12.68
CA LYS D 225 19.89 -28.48 -12.02
C LYS D 225 20.09 -29.78 -12.79
N ARG D 226 19.10 -30.20 -13.57
CA ARG D 226 19.17 -31.48 -14.26
C ARG D 226 19.64 -31.39 -15.69
N TYR D 227 19.43 -30.25 -16.35
CA TYR D 227 19.82 -30.08 -17.75
C TYR D 227 20.88 -29.01 -17.97
N HIS D 228 21.18 -28.17 -16.97
CA HIS D 228 22.14 -27.09 -17.15
C HIS D 228 23.04 -26.95 -15.92
N ASP D 229 23.35 -28.05 -15.24
CA ASP D 229 24.18 -28.01 -14.04
C ASP D 229 25.10 -29.24 -14.05
N PRO D 230 26.36 -29.07 -14.48
CA PRO D 230 27.29 -30.22 -14.50
C PRO D 230 27.64 -30.77 -13.12
N ASN D 231 27.54 -29.95 -12.07
CA ASN D 231 27.99 -30.35 -10.75
C ASN D 231 26.89 -31.03 -9.93
N PHE D 232 25.73 -31.28 -10.52
CA PHE D 232 24.59 -31.82 -9.79
C PHE D 232 24.89 -33.26 -9.37
N VAL D 233 25.16 -33.46 -8.08
CA VAL D 233 25.30 -34.80 -7.51
C VAL D 233 23.90 -35.34 -7.24
N PRO D 234 23.52 -36.47 -7.83
CA PRO D 234 22.17 -37.01 -7.60
C PRO D 234 21.94 -37.32 -6.13
N ALA D 235 20.71 -37.08 -5.68
CA ALA D 235 20.32 -37.36 -4.30
C ALA D 235 20.31 -38.88 -4.09
N ALA D 236 21.28 -39.38 -3.36
CA ALA D 236 21.44 -40.81 -3.13
C ALA D 236 20.80 -41.19 -1.81
N PHE D 237 19.76 -42.03 -1.87
CA PHE D 237 19.08 -42.55 -0.69
C PHE D 237 19.38 -44.04 -0.60
N VAL D 238 20.04 -44.44 0.49
CA VAL D 238 20.57 -45.78 0.64
C VAL D 238 19.60 -46.61 1.47
N CYS D 239 19.23 -47.79 0.95
CA CYS D 239 18.42 -48.73 1.71
C CYS D 239 19.24 -49.28 2.86
N SER D 240 18.77 -49.08 4.09
CA SER D 240 19.50 -49.51 5.28
C SER D 240 19.59 -51.02 5.41
N LYS D 241 18.78 -51.78 4.67
CA LYS D 241 18.78 -53.23 4.78
C LYS D 241 19.57 -53.92 3.68
N CYS D 242 19.81 -53.26 2.55
CA CYS D 242 20.54 -53.84 1.44
C CYS D 242 21.65 -52.96 0.87
N GLY D 243 21.62 -51.66 1.11
CA GLY D 243 22.65 -50.77 0.60
C GLY D 243 22.44 -50.27 -0.80
N LYS D 244 21.36 -50.66 -1.47
CA LYS D 244 21.09 -50.19 -2.82
C LYS D 244 20.55 -48.76 -2.79
N THR D 245 21.10 -47.91 -3.63
CA THR D 245 20.76 -46.48 -3.62
C THR D 245 19.53 -46.20 -4.48
N PHE D 246 18.83 -45.14 -4.12
CA PHE D 246 17.65 -44.67 -4.86
C PHE D 246 17.69 -43.15 -4.95
N THR D 247 17.05 -42.63 -6.00
CA THR D 247 17.01 -41.19 -6.22
C THR D 247 15.77 -40.52 -5.64
N ARG D 248 14.79 -41.30 -5.17
CA ARG D 248 13.58 -40.76 -4.57
C ARG D 248 13.35 -41.43 -3.23
N ARG D 249 12.98 -40.62 -2.23
CA ARG D 249 12.73 -41.16 -0.90
C ARG D 249 11.48 -42.04 -0.89
N ASN D 250 10.53 -41.80 -1.81
CA ASN D 250 9.37 -42.66 -1.91
C ASN D 250 9.76 -44.06 -2.34
N THR D 251 10.58 -44.18 -3.38
CA THR D 251 11.02 -45.49 -3.85
C THR D 251 11.90 -46.19 -2.81
N MET D 252 12.79 -45.44 -2.16
CA MET D 252 13.64 -46.04 -1.14
C MET D 252 12.83 -46.53 0.06
N ALA D 253 11.83 -45.74 0.48
CA ALA D 253 10.99 -46.15 1.59
C ALA D 253 10.19 -47.41 1.24
N ARG D 254 9.63 -47.45 0.03
CA ARG D 254 8.86 -48.63 -0.37
C ARG D 254 9.75 -49.85 -0.51
N HIS D 255 10.97 -49.67 -1.02
CA HIS D 255 11.91 -50.78 -1.10
C HIS D 255 12.28 -51.28 0.28
N ALA D 256 12.51 -50.37 1.23
CA ALA D 256 12.82 -50.77 2.60
C ALA D 256 11.65 -51.52 3.22
N ASP D 257 10.42 -51.11 2.90
CA ASP D 257 9.23 -51.81 3.40
C ASP D 257 9.13 -53.22 2.83
N ASN D 258 9.76 -53.50 1.69
CA ASN D 258 9.72 -54.81 1.05
C ASN D 258 11.13 -55.34 0.80
N CYS D 259 12.01 -55.21 1.80
CA CYS D 259 13.38 -55.67 1.71
C CYS D 259 13.65 -56.70 2.80
N ALA D 260 14.47 -57.69 2.47
CA ALA D 260 14.81 -58.75 3.42
C ALA D 260 16.12 -58.43 4.13
#